data_3KAY
#
_entry.id   3KAY
#
_cell.length_a   126.764
_cell.length_b   126.764
_cell.length_c   61.407
_cell.angle_alpha   90.00
_cell.angle_beta   90.00
_cell.angle_gamma   120.00
#
_symmetry.space_group_name_H-M   'P 65'
#
loop_
_entity.id
_entity.type
_entity.pdbx_description
1 polymer 'Putative uncharacterized protein At5g46790'
2 water water
#
_entity_poly.entity_id   1
_entity_poly.type   'polypeptide(L)'
_entity_poly.pdbx_seq_one_letter_code
;GSEFTQLSQSIAEFHTYQLGNGRCSSLLAQRIHAPPETVWSVVRRFDRPQIYKHFIKSCNVSEDFEMRVGCTRDVNVISG
LPANTSRERLDLLDDDRRVTGFSITGGEHRLRNYKSVTTVHRFEKEEEEERIWTVVLESYVVDVPEGNSEEDTRLFADTV
IRLNLQKLASITEAMNRN
;
_entity_poly.pdbx_strand_id   A,B
#
# COMPACT_ATOMS: atom_id res chain seq x y z
N SER A 2 -26.64 8.03 -21.41
CA SER A 2 -27.44 7.44 -20.29
C SER A 2 -26.55 6.80 -19.22
N GLU A 3 -25.68 5.86 -19.58
CA GLU A 3 -24.71 5.34 -18.60
C GLU A 3 -23.69 6.43 -18.21
N PHE A 4 -23.33 7.29 -19.16
CA PHE A 4 -22.49 8.46 -18.87
C PHE A 4 -23.26 9.62 -18.24
N THR A 5 -24.55 9.76 -18.55
CA THR A 5 -25.40 10.71 -17.82
C THR A 5 -25.54 10.25 -16.35
N GLN A 6 -25.74 8.96 -16.13
CA GLN A 6 -25.91 8.42 -14.77
C GLN A 6 -24.63 8.67 -13.96
N LEU A 7 -23.49 8.54 -14.61
CA LEU A 7 -22.21 8.74 -13.94
C LEU A 7 -22.00 10.22 -13.61
N SER A 8 -22.27 11.08 -14.60
CA SER A 8 -22.07 12.51 -14.43
C SER A 8 -22.97 13.09 -13.37
N GLN A 9 -24.22 12.68 -13.36
CA GLN A 9 -25.12 13.12 -12.30
C GLN A 9 -24.64 12.62 -10.96
N SER A 10 -24.11 11.40 -10.89
CA SER A 10 -23.58 10.88 -9.62
C SER A 10 -22.45 11.77 -9.10
N ILE A 11 -21.57 12.19 -10.00
CA ILE A 11 -20.48 13.07 -9.62
C ILE A 11 -21.07 14.34 -9.04
N ALA A 12 -21.90 15.03 -9.82
CA ALA A 12 -22.54 16.26 -9.35
C ALA A 12 -23.17 16.09 -7.96
N GLU A 13 -23.83 14.99 -7.72
CA GLU A 13 -24.51 14.79 -6.44
C GLU A 13 -23.62 14.37 -5.25
N PHE A 14 -22.60 13.53 -5.50
CA PHE A 14 -21.83 12.94 -4.41
C PHE A 14 -20.32 13.24 -4.46
N HIS A 15 -19.76 13.50 -5.62
CA HIS A 15 -18.30 13.63 -5.72
C HIS A 15 -17.81 15.07 -5.96
N THR A 16 -18.68 16.01 -5.65
CA THR A 16 -18.41 17.41 -5.91
C THR A 16 -18.40 18.12 -4.56
N TYR A 17 -17.39 18.96 -4.35
CA TYR A 17 -17.19 19.50 -3.01
C TYR A 17 -17.00 21.00 -2.94
N GLN A 18 -17.09 21.41 -1.69
CA GLN A 18 -17.50 22.69 -1.20
C GLN A 18 -16.24 23.36 -0.58
N LEU A 19 -15.32 23.87 -1.40
CA LEU A 19 -13.94 24.33 -0.95
C LEU A 19 -13.92 25.37 0.27
N GLY A 20 -12.79 26.00 0.66
CA GLY A 20 -11.41 25.80 0.17
C GLY A 20 -10.33 25.73 1.26
N ASN A 21 -10.01 26.84 1.91
CA ASN A 21 -8.91 26.83 2.92
C ASN A 21 -9.14 25.96 4.19
N GLY A 22 -8.10 25.24 4.58
CA GLY A 22 -8.15 24.29 5.69
C GLY A 22 -8.80 22.97 5.31
N ARG A 23 -8.99 22.76 4.01
CA ARG A 23 -9.80 21.67 3.52
C ARG A 23 -9.35 21.23 2.12
N CYS A 24 -9.51 19.96 1.80
CA CYS A 24 -9.12 19.51 0.48
C CYS A 24 -9.86 18.23 0.12
N SER A 25 -9.94 17.98 -1.18
CA SER A 25 -10.69 16.88 -1.69
C SER A 25 -10.11 16.35 -2.97
N SER A 26 -10.63 15.20 -3.39
CA SER A 26 -10.08 14.51 -4.54
C SER A 26 -11.02 13.43 -4.99
N LEU A 27 -10.90 13.07 -6.26
CA LEU A 27 -11.71 11.99 -6.82
C LEU A 27 -10.85 10.99 -7.55
N LEU A 28 -11.08 9.72 -7.31
CA LEU A 28 -10.33 8.73 -8.05
C LEU A 28 -11.30 7.69 -8.62
N ALA A 29 -10.85 7.02 -9.67
CA ALA A 29 -11.69 6.09 -10.42
C ALA A 29 -10.98 4.78 -10.70
N GLN A 30 -11.74 3.70 -10.84
CA GLN A 30 -11.18 2.39 -11.14
C GLN A 30 -12.09 1.61 -12.04
N ARG A 31 -11.64 1.29 -13.24
CA ARG A 31 -12.38 0.37 -14.08
C ARG A 31 -12.11 -1.09 -13.67
N ILE A 32 -13.20 -1.84 -13.52
CA ILE A 32 -13.18 -3.23 -13.08
C ILE A 32 -13.96 -4.13 -14.04
N HIS A 33 -13.28 -5.09 -14.67
CA HIS A 33 -13.95 -6.00 -15.62
C HIS A 33 -14.73 -7.04 -14.86
N ALA A 34 -15.92 -6.63 -14.47
CA ALA A 34 -16.84 -7.51 -13.77
C ALA A 34 -18.18 -6.80 -13.73
N PRO A 35 -19.25 -7.55 -13.42
CA PRO A 35 -20.55 -6.90 -13.31
C PRO A 35 -20.64 -6.03 -12.06
N PRO A 36 -21.29 -4.87 -12.16
CA PRO A 36 -21.43 -3.98 -11.02
C PRO A 36 -22.20 -4.59 -9.86
N GLU A 37 -23.07 -5.55 -10.16
CA GLU A 37 -23.80 -6.28 -9.13
C GLU A 37 -22.80 -6.92 -8.15
N THR A 38 -21.73 -7.49 -8.70
CA THR A 38 -20.72 -8.20 -7.91
C THR A 38 -19.82 -7.22 -7.14
N VAL A 39 -19.33 -6.18 -7.82
CA VAL A 39 -18.54 -5.16 -7.17
C VAL A 39 -19.35 -4.52 -6.04
N TRP A 40 -20.61 -4.17 -6.30
CA TRP A 40 -21.43 -3.48 -5.29
C TRP A 40 -21.63 -4.32 -4.03
N SER A 41 -21.65 -5.64 -4.16
CA SER A 41 -21.86 -6.53 -3.00
C SER A 41 -20.62 -6.60 -2.11
N VAL A 42 -19.45 -6.34 -2.69
CA VAL A 42 -18.23 -6.15 -1.91
C VAL A 42 -18.23 -4.76 -1.27
N VAL A 43 -18.38 -3.71 -2.08
CA VAL A 43 -18.33 -2.32 -1.59
C VAL A 43 -19.32 -2.01 -0.47
N ARG A 44 -20.50 -2.61 -0.51
CA ARG A 44 -21.59 -2.27 0.42
C ARG A 44 -21.37 -2.81 1.81
N ARG A 45 -20.48 -3.78 1.90
CA ARG A 45 -20.19 -4.45 3.16
C ARG A 45 -19.46 -3.54 4.16
N PHE A 46 -20.21 -2.66 4.82
CA PHE A 46 -19.65 -1.69 5.77
C PHE A 46 -18.92 -2.33 6.94
N ASP A 47 -19.35 -3.53 7.32
CA ASP A 47 -18.76 -4.28 8.44
C ASP A 47 -17.45 -5.02 8.07
N ARG A 48 -17.06 -5.01 6.80
CA ARG A 48 -15.82 -5.68 6.45
C ARG A 48 -15.06 -5.02 5.30
N PRO A 49 -14.51 -3.83 5.54
CA PRO A 49 -13.69 -3.14 4.55
C PRO A 49 -12.35 -3.84 4.22
N GLN A 50 -11.79 -4.52 5.20
CA GLN A 50 -10.70 -5.52 5.05
C GLN A 50 -10.73 -6.41 3.78
N ILE A 51 -11.90 -6.64 3.20
CA ILE A 51 -11.98 -7.49 2.01
C ILE A 51 -11.15 -6.90 0.89
N TYR A 52 -11.24 -5.60 0.71
CA TYR A 52 -10.45 -4.98 -0.36
C TYR A 52 -9.58 -3.81 0.09
N LYS A 53 -9.70 -3.33 1.33
CA LYS A 53 -8.88 -2.20 1.76
C LYS A 53 -7.58 -2.63 2.48
N HIS A 54 -6.53 -1.82 2.32
CA HIS A 54 -5.20 -2.13 2.86
C HIS A 54 -5.00 -1.39 4.15
N PHE A 55 -4.10 -1.92 4.99
CA PHE A 55 -3.72 -1.32 6.26
C PHE A 55 -4.74 -1.50 7.40
N ILE A 56 -5.59 -2.51 7.29
CA ILE A 56 -6.55 -2.79 8.35
C ILE A 56 -6.14 -4.05 9.07
N LYS A 57 -5.89 -3.93 10.37
CA LYS A 57 -5.49 -5.04 11.18
C LYS A 57 -6.72 -5.85 11.55
N SER A 58 -7.82 -5.13 11.78
CA SER A 58 -9.10 -5.72 12.18
C SER A 58 -10.22 -4.66 12.12
N CYS A 59 -11.45 -5.14 12.05
CA CYS A 59 -12.61 -4.27 12.08
C CYS A 59 -13.66 -4.92 12.97
N ASN A 60 -14.06 -4.22 14.02
CA ASN A 60 -15.06 -4.69 14.96
C ASN A 60 -16.34 -3.89 14.86
N VAL A 61 -17.47 -4.59 14.87
CA VAL A 61 -18.78 -3.93 14.95
C VAL A 61 -19.45 -4.28 16.28
N SER A 62 -20.62 -3.70 16.51
CA SER A 62 -21.45 -4.07 17.66
C SER A 62 -21.88 -5.54 17.57
N GLU A 63 -22.16 -6.14 18.73
CA GLU A 63 -22.54 -7.56 18.79
C GLU A 63 -23.88 -7.83 18.08
N ASP A 64 -24.74 -6.82 18.06
CA ASP A 64 -26.04 -6.88 17.40
C ASP A 64 -26.03 -5.96 16.19
N PHE A 65 -25.14 -6.24 15.24
CA PHE A 65 -24.87 -5.26 14.21
C PHE A 65 -26.05 -4.99 13.30
N GLU A 66 -26.41 -3.72 13.24
CA GLU A 66 -27.45 -3.20 12.38
C GLU A 66 -26.73 -2.83 11.12
N MET A 67 -27.41 -2.81 9.99
CA MET A 67 -26.79 -2.35 8.74
C MET A 67 -27.68 -1.27 8.15
N ARG A 68 -27.55 -0.07 8.68
CA ARG A 68 -28.39 1.07 8.30
C ARG A 68 -27.63 2.34 8.58
N VAL A 69 -27.99 3.42 7.89
CA VAL A 69 -27.34 4.70 8.14
C VAL A 69 -27.29 4.90 9.64
N GLY A 70 -26.13 5.32 10.14
CA GLY A 70 -25.90 5.49 11.57
C GLY A 70 -25.03 4.43 12.24
N CYS A 71 -24.88 3.27 11.60
CA CYS A 71 -23.93 2.23 12.05
C CYS A 71 -22.55 2.76 12.30
N THR A 72 -21.88 2.15 13.27
CA THR A 72 -20.51 2.50 13.56
C THR A 72 -19.62 1.28 13.28
N ARG A 73 -18.32 1.50 13.14
CA ARG A 73 -17.33 0.42 13.09
C ARG A 73 -16.00 0.91 13.62
N ASP A 74 -15.28 0.06 14.34
CA ASP A 74 -13.94 0.40 14.81
C ASP A 74 -12.93 -0.28 13.91
N VAL A 75 -12.09 0.52 13.25
CA VAL A 75 -11.04 -0.01 12.41
C VAL A 75 -9.74 0.13 13.13
N ASN A 76 -9.05 -0.98 13.33
CA ASN A 76 -7.70 -0.91 13.85
C ASN A 76 -6.76 -0.70 12.69
N VAL A 77 -6.15 0.46 12.60
CA VAL A 77 -5.35 0.75 11.40
C VAL A 77 -3.90 0.31 11.59
N ILE A 78 -3.30 -0.18 10.51
CA ILE A 78 -1.89 -0.54 10.48
C ILE A 78 -1.10 0.66 10.02
N SER A 79 -0.60 1.44 10.98
CA SER A 79 0.39 2.47 10.73
C SER A 79 1.66 2.03 11.44
N GLY A 80 2.74 2.75 11.34
CA GLY A 80 3.87 2.31 12.17
C GLY A 80 3.75 2.84 13.60
N LEU A 81 2.60 3.45 13.89
CA LEU A 81 2.42 4.25 15.10
C LEU A 81 1.73 3.35 16.14
N PRO A 82 1.36 3.90 17.30
CA PRO A 82 0.74 3.03 18.32
C PRO A 82 -0.73 2.73 18.04
N ALA A 83 -1.29 1.71 18.69
CA ALA A 83 -2.71 1.30 18.49
C ALA A 83 -3.68 2.46 18.14
N ASN A 84 -4.06 2.52 16.86
CA ASN A 84 -4.80 3.65 16.26
C ASN A 84 -6.15 3.11 15.83
N THR A 85 -7.15 3.27 16.68
CA THR A 85 -8.49 2.80 16.35
C THR A 85 -9.27 3.91 15.67
N SER A 86 -9.76 3.65 14.47
CA SER A 86 -10.53 4.62 13.71
C SER A 86 -12.03 4.36 13.83
N ARG A 87 -12.77 5.30 14.39
CA ARG A 87 -14.23 5.18 14.51
C ARG A 87 -14.91 5.76 13.28
N GLU A 88 -15.65 4.92 12.57
CA GLU A 88 -16.28 5.32 11.30
C GLU A 88 -17.80 5.11 11.33
N ARG A 89 -18.52 6.11 10.85
CA ARG A 89 -20.00 6.11 10.77
C ARG A 89 -20.50 6.01 9.32
N LEU A 90 -21.43 5.09 9.06
CA LEU A 90 -22.04 4.90 7.73
C LEU A 90 -23.03 6.02 7.44
N ASP A 91 -22.66 6.91 6.52
CA ASP A 91 -23.47 8.10 6.20
C ASP A 91 -24.62 7.81 5.23
N LEU A 92 -24.36 6.92 4.29
CA LEU A 92 -25.20 6.75 3.11
C LEU A 92 -25.11 5.32 2.65
N LEU A 93 -26.25 4.80 2.20
CA LEU A 93 -26.32 3.45 1.68
C LEU A 93 -27.58 3.35 0.88
N ASP A 94 -27.44 3.35 -0.43
CA ASP A 94 -28.55 3.20 -1.33
C ASP A 94 -28.27 2.09 -2.33
N ASP A 95 -28.88 0.94 -2.07
CA ASP A 95 -28.70 -0.24 -2.92
C ASP A 95 -29.18 -0.04 -4.35
N ASP A 96 -30.21 0.77 -4.53
CA ASP A 96 -30.77 0.97 -5.86
C ASP A 96 -29.81 1.80 -6.73
N ARG A 97 -29.18 2.83 -6.14
CA ARG A 97 -28.20 3.64 -6.89
C ARG A 97 -26.74 3.21 -6.71
N ARG A 98 -26.49 2.24 -5.83
CA ARG A 98 -25.14 1.76 -5.54
C ARG A 98 -24.28 2.94 -5.03
N VAL A 99 -24.65 3.43 -3.87
CA VAL A 99 -23.95 4.54 -3.27
C VAL A 99 -23.76 4.26 -1.79
N THR A 100 -22.52 4.33 -1.31
CA THR A 100 -22.23 4.30 0.12
C THR A 100 -21.35 5.45 0.43
N GLY A 101 -21.27 5.75 1.70
CA GLY A 101 -20.43 6.82 2.16
C GLY A 101 -20.24 6.72 3.64
N PHE A 102 -19.09 7.16 4.15
CA PHE A 102 -18.85 7.16 5.58
C PHE A 102 -18.03 8.37 6.05
N SER A 103 -18.03 8.60 7.36
CA SER A 103 -17.20 9.62 8.00
C SER A 103 -16.30 9.00 9.06
N ILE A 104 -15.18 9.64 9.34
CA ILE A 104 -14.31 9.25 10.43
C ILE A 104 -14.70 10.18 11.54
N THR A 105 -15.40 9.65 12.55
CA THR A 105 -15.91 10.48 13.63
C THR A 105 -14.84 10.76 14.67
N GLY A 106 -13.80 9.94 14.70
CA GLY A 106 -12.65 10.17 15.58
C GLY A 106 -11.60 9.06 15.57
N GLY A 107 -10.49 9.31 16.25
CA GLY A 107 -9.43 8.32 16.42
C GLY A 107 -8.44 8.16 15.28
N GLU A 108 -8.52 8.99 14.25
CA GLU A 108 -7.59 8.91 13.12
C GLU A 108 -7.03 10.29 12.85
N HIS A 109 -5.97 10.62 13.57
CA HIS A 109 -5.38 11.96 13.53
C HIS A 109 -4.88 12.44 12.16
N ARG A 110 -4.56 11.52 11.26
CA ARG A 110 -4.10 11.90 9.93
C ARG A 110 -5.23 12.38 8.99
N LEU A 111 -6.47 12.01 9.30
CA LEU A 111 -7.60 12.30 8.43
C LEU A 111 -8.79 12.78 9.24
N ARG A 112 -8.68 14.00 9.76
CA ARG A 112 -9.72 14.52 10.62
C ARG A 112 -10.88 15.07 9.80
N ASN A 113 -12.08 14.73 10.25
CA ASN A 113 -13.33 15.06 9.55
C ASN A 113 -13.35 14.57 8.12
N TYR A 114 -12.78 13.38 7.94
CA TYR A 114 -12.76 12.70 6.68
C TYR A 114 -14.14 12.21 6.33
N LYS A 115 -14.60 12.54 5.12
CA LYS A 115 -15.87 12.04 4.61
C LYS A 115 -15.59 11.52 3.24
N SER A 116 -16.02 10.28 2.97
CA SER A 116 -15.78 9.65 1.69
C SER A 116 -17.06 9.11 1.14
N VAL A 117 -17.16 9.07 -0.19
CA VAL A 117 -18.32 8.47 -0.85
C VAL A 117 -17.84 7.62 -2.01
N THR A 118 -18.43 6.43 -2.14
CA THR A 118 -18.16 5.52 -3.24
C THR A 118 -19.42 5.18 -4.04
N THR A 119 -19.34 5.36 -5.35
CA THR A 119 -20.42 4.97 -6.26
C THR A 119 -19.95 3.97 -7.34
N VAL A 120 -20.78 2.99 -7.65
CA VAL A 120 -20.47 1.93 -8.63
C VAL A 120 -21.36 2.11 -9.88
N HIS A 121 -20.74 2.06 -11.05
CA HIS A 121 -21.41 2.41 -12.29
C HIS A 121 -21.28 1.35 -13.38
N ARG A 122 -22.36 1.18 -14.14
CA ARG A 122 -22.46 0.14 -15.18
C ARG A 122 -21.94 0.66 -16.52
N PHE A 123 -21.21 -0.18 -17.23
CA PHE A 123 -20.65 0.19 -18.52
C PHE A 123 -20.63 -0.98 -19.50
N GLU A 124 -21.53 -0.91 -20.48
CA GLU A 124 -21.64 -1.94 -21.51
C GLU A 124 -22.20 -1.32 -22.78
N ARG A 131 -18.29 -8.64 -22.72
CA ARG A 131 -18.46 -8.69 -21.28
C ARG A 131 -19.19 -7.45 -20.75
N ILE A 132 -19.32 -7.37 -19.42
CA ILE A 132 -19.91 -6.24 -18.71
C ILE A 132 -18.82 -5.62 -17.81
N TRP A 133 -18.58 -4.32 -17.96
CA TRP A 133 -17.54 -3.61 -17.19
C TRP A 133 -18.14 -2.64 -16.19
N THR A 134 -17.41 -2.39 -15.11
CA THR A 134 -17.85 -1.48 -14.08
C THR A 134 -16.83 -0.37 -13.89
N VAL A 135 -17.32 0.81 -13.49
CA VAL A 135 -16.43 1.87 -13.02
C VAL A 135 -16.84 2.17 -11.59
N VAL A 136 -15.84 2.29 -10.71
CA VAL A 136 -16.06 2.65 -9.32
C VAL A 136 -15.42 3.99 -9.08
N LEU A 137 -16.19 4.95 -8.58
CA LEU A 137 -15.65 6.26 -8.25
C LEU A 137 -15.65 6.39 -6.73
N GLU A 138 -14.58 6.99 -6.22
CA GLU A 138 -14.43 7.25 -4.80
C GLU A 138 -13.88 8.65 -4.63
N SER A 139 -14.52 9.42 -3.78
CA SER A 139 -14.04 10.76 -3.45
C SER A 139 -14.10 10.98 -1.96
N TYR A 140 -13.40 11.99 -1.53
CA TYR A 140 -13.38 12.28 -0.10
C TYR A 140 -13.17 13.76 0.08
N VAL A 141 -13.63 14.26 1.22
CA VAL A 141 -13.20 15.56 1.74
C VAL A 141 -12.55 15.39 3.13
N VAL A 142 -11.42 16.07 3.36
CA VAL A 142 -10.71 15.96 4.62
C VAL A 142 -10.16 17.30 5.10
N ASP A 143 -9.93 17.41 6.40
CA ASP A 143 -9.28 18.61 6.93
C ASP A 143 -7.79 18.66 6.61
N VAL A 144 -7.27 19.88 6.56
CA VAL A 144 -5.81 20.13 6.50
C VAL A 144 -5.50 21.24 7.51
N PRO A 145 -5.02 20.89 8.71
CA PRO A 145 -4.69 21.94 9.68
C PRO A 145 -3.56 22.83 9.16
N GLU A 146 -3.70 24.16 9.27
CA GLU A 146 -2.69 25.09 8.74
C GLU A 146 -1.28 24.72 9.21
N GLY A 147 -0.30 24.87 8.33
CA GLY A 147 1.06 24.36 8.58
C GLY A 147 1.34 23.05 7.84
N ASN A 148 0.37 22.13 7.87
CA ASN A 148 0.42 20.92 7.04
C ASN A 148 0.20 21.29 5.59
N SER A 149 0.90 20.63 4.68
CA SER A 149 0.76 20.96 3.27
C SER A 149 -0.41 20.17 2.68
N GLU A 150 -1.27 20.87 1.94
CA GLU A 150 -2.38 20.24 1.23
C GLU A 150 -1.92 19.09 0.34
N GLU A 151 -0.82 19.30 -0.38
CA GLU A 151 -0.28 18.33 -1.34
C GLU A 151 0.01 16.99 -0.67
N ASP A 152 0.71 17.04 0.44
CA ASP A 152 1.06 15.85 1.17
C ASP A 152 -0.18 15.08 1.59
N THR A 153 -1.13 15.75 2.25
CA THR A 153 -2.30 15.06 2.77
C THR A 153 -3.12 14.47 1.62
N ARG A 154 -3.17 15.16 0.52
CA ARG A 154 -3.87 14.65 -0.65
C ARG A 154 -3.15 13.40 -1.13
N LEU A 155 -1.82 13.45 -1.17
CA LEU A 155 -1.01 12.34 -1.69
C LEU A 155 -1.15 11.08 -0.86
N PHE A 156 -1.21 11.24 0.44
CA PHE A 156 -1.43 10.11 1.32
C PHE A 156 -2.79 9.52 0.99
N ALA A 157 -3.84 10.34 1.10
CA ALA A 157 -5.19 9.93 0.81
C ALA A 157 -5.31 9.25 -0.55
N ASP A 158 -4.84 9.92 -1.61
CA ASP A 158 -5.00 9.39 -2.95
C ASP A 158 -4.33 8.02 -3.15
N THR A 159 -3.16 7.84 -2.55
CA THR A 159 -2.42 6.61 -2.72
C THR A 159 -3.14 5.46 -2.07
N VAL A 160 -3.57 5.62 -0.82
CA VAL A 160 -4.33 4.52 -0.18
C VAL A 160 -5.57 4.20 -1.00
N ILE A 161 -6.32 5.20 -1.49
CA ILE A 161 -7.57 4.89 -2.19
C ILE A 161 -7.24 4.08 -3.41
N ARG A 162 -6.22 4.53 -4.16
CA ARG A 162 -5.77 3.88 -5.40
C ARG A 162 -5.46 2.41 -5.17
N LEU A 163 -4.68 2.15 -4.12
CA LEU A 163 -4.30 0.77 -3.83
C LEU A 163 -5.56 -0.03 -3.45
N ASN A 164 -6.43 0.56 -2.63
CA ASN A 164 -7.68 -0.14 -2.30
C ASN A 164 -8.49 -0.46 -3.54
N LEU A 165 -8.58 0.48 -4.48
CA LEU A 165 -9.41 0.25 -5.67
C LEU A 165 -8.78 -0.80 -6.59
N GLN A 166 -7.45 -0.79 -6.73
CA GLN A 166 -6.74 -1.89 -7.41
C GLN A 166 -7.04 -3.25 -6.79
N LYS A 167 -7.02 -3.36 -5.49
CA LYS A 167 -7.33 -4.65 -4.86
C LYS A 167 -8.79 -5.00 -5.09
N LEU A 168 -9.66 -3.99 -4.99
CA LEU A 168 -11.08 -4.19 -5.25
C LEU A 168 -11.27 -4.79 -6.63
N ALA A 169 -10.61 -4.22 -7.63
CA ALA A 169 -10.60 -4.79 -8.98
C ALA A 169 -10.23 -6.26 -8.92
N SER A 170 -9.03 -6.55 -8.41
CA SER A 170 -8.56 -7.93 -8.25
C SER A 170 -9.55 -8.87 -7.58
N ILE A 171 -9.97 -8.52 -6.38
CA ILE A 171 -10.86 -9.40 -5.64
C ILE A 171 -12.16 -9.64 -6.39
N THR A 172 -12.66 -8.58 -7.03
CA THR A 172 -13.93 -8.62 -7.69
C THR A 172 -13.82 -9.36 -9.03
N GLU A 173 -12.71 -9.14 -9.74
CA GLU A 173 -12.45 -9.78 -11.03
C GLU A 173 -12.19 -11.27 -10.84
N ALA A 174 -11.76 -11.65 -9.63
CA ALA A 174 -11.53 -13.04 -9.26
C ALA A 174 -12.85 -13.75 -9.00
N MET A 175 -13.85 -13.02 -8.50
CA MET A 175 -15.15 -13.60 -8.19
C MET A 175 -15.91 -14.04 -9.45
N ASN A 176 -15.32 -13.85 -10.63
CA ASN A 176 -15.87 -14.39 -11.86
C ASN A 176 -15.19 -15.69 -12.31
N ARG A 177 -14.97 -16.59 -11.34
CA ARG A 177 -14.47 -17.95 -11.58
C ARG A 177 -13.43 -17.99 -12.70
N SER B 2 19.47 -29.02 -5.06
CA SER B 2 19.79 -28.68 -6.49
C SER B 2 18.97 -27.50 -7.01
N GLU B 3 17.84 -27.22 -6.36
CA GLU B 3 16.83 -26.28 -6.89
C GLU B 3 16.53 -25.20 -5.87
N PHE B 4 16.23 -25.63 -4.66
CA PHE B 4 16.00 -24.80 -3.52
C PHE B 4 17.27 -24.69 -2.69
N THR B 5 18.35 -25.28 -3.18
CA THR B 5 19.64 -25.20 -2.49
C THR B 5 20.24 -23.81 -2.65
N GLN B 6 20.22 -23.29 -3.87
CA GLN B 6 20.65 -21.92 -4.11
C GLN B 6 19.86 -20.88 -3.30
N LEU B 7 18.66 -21.25 -2.85
CA LEU B 7 17.77 -20.35 -2.16
C LEU B 7 17.98 -20.43 -0.67
N SER B 8 18.05 -21.65 -0.15
CA SER B 8 18.27 -21.87 1.27
C SER B 8 19.64 -21.38 1.74
N GLN B 9 20.56 -21.26 0.80
CA GLN B 9 21.87 -20.75 1.11
C GLN B 9 21.76 -19.27 1.41
N SER B 10 21.01 -18.57 0.57
CA SER B 10 20.75 -17.14 0.76
C SER B 10 20.00 -16.88 2.05
N ILE B 11 18.98 -17.67 2.31
CA ILE B 11 18.20 -17.49 3.52
C ILE B 11 19.14 -17.58 4.72
N ALA B 12 20.06 -18.54 4.66
CA ALA B 12 21.00 -18.79 5.77
C ALA B 12 21.97 -17.64 5.97
N GLU B 13 22.44 -17.06 4.87
CA GLU B 13 23.47 -16.03 4.92
C GLU B 13 22.92 -14.62 5.07
N PHE B 14 21.76 -14.35 4.49
CA PHE B 14 21.26 -12.99 4.35
C PHE B 14 19.89 -12.71 4.99
N HIS B 15 19.08 -13.74 5.19
CA HIS B 15 17.70 -13.57 5.63
C HIS B 15 17.45 -14.29 6.94
N THR B 16 18.51 -14.46 7.71
CA THR B 16 18.45 -15.24 8.92
C THR B 16 18.90 -14.36 10.04
N TYR B 17 18.15 -14.37 11.14
CA TYR B 17 18.31 -13.33 12.14
C TYR B 17 18.37 -13.80 13.56
N GLN B 18 18.99 -12.91 14.31
CA GLN B 18 19.51 -13.11 15.63
C GLN B 18 18.54 -12.40 16.56
N LEU B 19 17.70 -13.17 17.25
CA LEU B 19 16.61 -12.60 18.07
C LEU B 19 17.13 -11.63 19.16
N GLY B 20 17.42 -10.39 18.76
CA GLY B 20 17.76 -9.33 19.73
C GLY B 20 16.59 -9.06 20.68
N ASN B 21 16.83 -8.28 21.73
CA ASN B 21 15.79 -8.14 22.75
C ASN B 21 14.61 -7.33 22.28
N GLY B 22 14.82 -6.08 21.91
CA GLY B 22 13.72 -5.25 21.46
C GLY B 22 13.66 -5.10 19.95
N ARG B 23 13.86 -6.20 19.25
CA ARG B 23 13.99 -6.18 17.84
C ARG B 23 13.09 -7.22 17.23
N CYS B 24 12.74 -7.04 15.96
CA CYS B 24 11.96 -8.02 15.28
C CYS B 24 12.35 -8.04 13.82
N SER B 25 11.97 -9.13 13.16
CA SER B 25 12.31 -9.31 11.74
C SER B 25 11.33 -10.22 11.07
N SER B 26 11.43 -10.27 9.75
CA SER B 26 10.55 -11.07 8.96
C SER B 26 11.15 -11.23 7.58
N LEU B 27 10.68 -12.25 6.87
CA LEU B 27 11.15 -12.56 5.53
C LEU B 27 9.93 -12.71 4.64
N LEU B 28 10.02 -12.12 3.45
CA LEU B 28 8.93 -12.21 2.47
C LEU B 28 9.44 -12.57 1.10
N ALA B 29 8.60 -13.26 0.34
CA ALA B 29 8.99 -13.78 -0.99
C ALA B 29 7.98 -13.36 -2.03
N GLN B 30 8.42 -13.17 -3.27
CA GLN B 30 7.51 -12.90 -4.38
C GLN B 30 7.98 -13.52 -5.73
N ARG B 31 7.08 -14.28 -6.39
CA ARG B 31 7.25 -14.76 -7.78
C ARG B 31 7.06 -13.59 -8.72
N ILE B 32 7.97 -13.42 -9.65
CA ILE B 32 7.77 -12.55 -10.78
C ILE B 32 7.93 -13.40 -12.04
N HIS B 33 7.05 -13.17 -13.00
CA HIS B 33 7.14 -13.84 -14.31
C HIS B 33 8.01 -13.00 -15.26
N ALA B 34 9.28 -12.92 -14.92
CA ALA B 34 10.27 -12.18 -15.71
C ALA B 34 11.66 -12.72 -15.43
N PRO B 35 12.62 -12.38 -16.27
CA PRO B 35 13.97 -12.91 -16.08
C PRO B 35 14.72 -12.20 -14.96
N PRO B 36 15.46 -12.94 -14.12
CA PRO B 36 16.19 -12.30 -13.03
C PRO B 36 17.04 -11.11 -13.45
N GLU B 37 17.63 -11.15 -14.63
CA GLU B 37 18.51 -10.06 -15.05
C GLU B 37 17.69 -8.77 -15.03
N THR B 38 16.49 -8.83 -15.60
CA THR B 38 15.58 -7.69 -15.62
C THR B 38 15.15 -7.21 -14.21
N VAL B 39 14.83 -8.16 -13.33
CA VAL B 39 14.38 -7.83 -12.00
C VAL B 39 15.53 -7.17 -11.28
N TRP B 40 16.68 -7.83 -11.35
CA TRP B 40 17.88 -7.30 -10.72
C TRP B 40 18.19 -5.87 -11.15
N SER B 41 17.97 -5.57 -12.42
CA SER B 41 18.27 -4.23 -12.96
C SER B 41 17.45 -3.08 -12.34
N VAL B 42 16.31 -3.40 -11.74
CA VAL B 42 15.51 -2.44 -11.00
C VAL B 42 15.89 -2.42 -9.51
N VAL B 43 15.92 -3.59 -8.90
CA VAL B 43 16.24 -3.72 -7.50
C VAL B 43 17.56 -3.03 -7.17
N ARG B 44 18.61 -3.32 -7.96
CA ARG B 44 19.93 -2.75 -7.68
C ARG B 44 20.01 -1.21 -7.69
N ARG B 45 19.12 -0.52 -8.42
CA ARG B 45 19.17 0.95 -8.48
C ARG B 45 18.78 1.61 -7.16
N PHE B 46 19.76 1.72 -6.26
CA PHE B 46 19.60 2.40 -4.97
C PHE B 46 19.19 3.85 -5.17
N ASP B 47 19.67 4.40 -6.30
CA ASP B 47 19.39 5.75 -6.78
C ASP B 47 17.87 6.04 -6.94
N ARG B 48 17.11 5.06 -7.43
CA ARG B 48 15.69 5.27 -7.70
C ARG B 48 14.80 4.11 -7.25
N PRO B 49 14.46 4.09 -5.95
CA PRO B 49 13.49 3.17 -5.41
C PRO B 49 12.04 3.52 -5.72
N GLN B 50 11.77 4.71 -6.26
CA GLN B 50 10.39 5.11 -6.63
C GLN B 50 9.78 4.17 -7.62
N ILE B 51 10.62 3.58 -8.47
CA ILE B 51 10.14 2.73 -9.56
C ILE B 51 9.32 1.54 -9.09
N TYR B 52 9.73 0.93 -7.98
CA TYR B 52 9.00 -0.24 -7.50
C TYR B 52 8.46 -0.09 -6.11
N LYS B 53 8.58 1.09 -5.51
CA LYS B 53 8.10 1.25 -4.15
C LYS B 53 6.96 2.23 -4.09
N HIS B 54 6.09 2.05 -3.11
CA HIS B 54 4.95 2.92 -2.94
C HIS B 54 5.25 3.96 -1.87
N PHE B 55 4.46 5.03 -1.91
CA PHE B 55 4.48 6.12 -0.95
C PHE B 55 5.73 6.99 -0.98
N ILE B 56 6.43 6.99 -2.11
CA ILE B 56 7.61 7.84 -2.23
C ILE B 56 7.26 9.06 -3.05
N LYS B 57 7.28 10.20 -2.38
CA LYS B 57 7.07 11.49 -3.00
C LYS B 57 8.27 11.84 -3.84
N SER B 58 9.46 11.72 -3.25
CA SER B 58 10.72 11.86 -4.00
C SER B 58 11.89 11.22 -3.27
N CYS B 59 12.94 10.96 -4.04
CA CYS B 59 14.21 10.45 -3.52
C CYS B 59 15.38 11.29 -4.06
N ASN B 60 16.16 11.90 -3.17
CA ASN B 60 17.32 12.68 -3.62
C ASN B 60 18.65 12.07 -3.18
N VAL B 61 19.61 12.08 -4.10
CA VAL B 61 20.98 11.71 -3.81
C VAL B 61 21.84 12.95 -4.04
N SER B 62 23.13 12.85 -3.74
CA SER B 62 24.05 13.99 -3.93
C SER B 62 24.35 14.22 -5.40
N GLU B 63 24.87 15.41 -5.67
CA GLU B 63 25.24 15.81 -7.03
C GLU B 63 26.30 14.85 -7.60
N ASP B 64 27.35 14.58 -6.82
CA ASP B 64 28.40 13.68 -7.26
C ASP B 64 28.08 12.23 -6.89
N PHE B 65 26.84 11.82 -7.09
CA PHE B 65 26.41 10.50 -6.64
C PHE B 65 27.09 9.34 -7.34
N GLU B 66 27.47 8.35 -6.55
CA GLU B 66 28.18 7.18 -7.02
C GLU B 66 27.76 6.03 -6.11
N MET B 67 27.42 4.89 -6.67
CA MET B 67 26.88 3.79 -5.89
C MET B 67 27.97 2.91 -5.27
N ARG B 68 28.12 2.96 -3.94
CA ARG B 68 29.07 2.13 -3.22
C ARG B 68 28.66 1.95 -1.76
N VAL B 69 29.08 0.86 -1.13
CA VAL B 69 28.77 0.66 0.27
C VAL B 69 29.09 1.92 1.09
N GLY B 70 28.08 2.53 1.70
CA GLY B 70 28.26 3.80 2.44
C GLY B 70 27.55 4.98 1.76
N CYS B 71 27.24 4.78 0.50
CA CYS B 71 26.20 5.52 -0.24
C CYS B 71 25.00 5.99 0.58
N THR B 72 24.50 7.17 0.26
CA THR B 72 23.38 7.76 0.98
C THR B 72 22.24 8.28 0.10
N ARG B 73 21.01 8.11 0.57
CA ARG B 73 19.82 8.68 -0.11
C ARG B 73 18.81 9.24 0.89
N ASP B 74 18.17 10.34 0.51
CA ASP B 74 17.06 10.90 1.26
C ASP B 74 15.74 10.51 0.61
N VAL B 75 14.93 9.68 1.30
CA VAL B 75 13.64 9.31 0.75
C VAL B 75 12.51 10.05 1.47
N ASN B 76 11.80 10.87 0.71
CA ASN B 76 10.64 11.62 1.22
C ASN B 76 9.39 10.78 1.07
N VAL B 77 8.88 10.30 2.19
CA VAL B 77 7.82 9.31 2.21
C VAL B 77 6.50 9.96 2.66
N ILE B 78 5.38 9.47 2.13
CA ILE B 78 4.05 9.95 2.52
C ILE B 78 3.13 8.82 2.94
N SER B 79 3.68 7.67 3.30
CA SER B 79 2.87 6.57 3.82
C SER B 79 2.21 6.91 5.14
N GLY B 80 2.53 8.08 5.70
CA GLY B 80 1.80 8.65 6.84
C GLY B 80 1.82 10.15 6.73
N LEU B 81 1.50 10.81 7.86
CA LEU B 81 1.38 12.29 7.93
C LEU B 81 1.79 12.86 9.30
N PRO B 82 2.55 13.96 9.29
CA PRO B 82 3.07 14.67 8.11
C PRO B 82 4.08 13.86 7.33
N ALA B 83 4.50 14.41 6.19
CA ALA B 83 5.54 13.76 5.36
C ALA B 83 6.82 13.62 6.18
N ASN B 84 7.70 12.79 5.63
CA ASN B 84 8.75 12.16 6.39
C ASN B 84 9.95 11.93 5.47
N THR B 85 11.15 12.32 5.89
CA THR B 85 12.36 12.08 5.09
C THR B 85 13.30 11.00 5.66
N SER B 86 13.29 9.84 5.01
CA SER B 86 14.02 8.69 5.49
C SER B 86 15.47 8.79 4.99
N ARG B 87 16.42 8.78 5.94
CA ARG B 87 17.87 8.76 5.64
C ARG B 87 18.42 7.32 5.59
N GLU B 88 18.78 6.87 4.41
CA GLU B 88 19.09 5.47 4.19
C GLU B 88 20.48 5.29 3.61
N ARG B 89 21.12 4.17 3.95
CA ARG B 89 22.45 3.85 3.47
C ARG B 89 22.61 2.44 2.89
N LEU B 90 23.30 2.37 1.75
CA LEU B 90 23.63 1.10 1.09
C LEU B 90 24.60 0.30 1.96
N ASP B 91 24.21 -0.91 2.30
CA ASP B 91 24.96 -1.77 3.19
C ASP B 91 25.77 -2.76 2.41
N LEU B 92 25.21 -3.21 1.29
CA LEU B 92 25.91 -4.11 0.40
C LEU B 92 25.28 -4.16 -0.96
N LEU B 93 26.12 -4.54 -1.92
CA LEU B 93 25.77 -4.59 -3.34
C LEU B 93 26.73 -5.56 -4.01
N ASP B 94 26.18 -6.58 -4.64
CA ASP B 94 26.96 -7.59 -5.36
C ASP B 94 26.22 -7.96 -6.62
N ASP B 95 26.68 -7.42 -7.73
CA ASP B 95 26.03 -7.65 -9.02
C ASP B 95 26.12 -9.11 -9.50
N ASP B 96 27.03 -9.90 -8.94
CA ASP B 96 27.18 -11.29 -9.36
C ASP B 96 26.19 -12.22 -8.66
N ARG B 97 26.04 -12.05 -7.35
CA ARG B 97 25.13 -12.90 -6.59
C ARG B 97 23.71 -12.31 -6.51
N ARG B 98 23.49 -11.17 -7.17
CA ARG B 98 22.24 -10.45 -7.12
C ARG B 98 21.76 -10.17 -5.69
N VAL B 99 22.60 -9.51 -4.89
CA VAL B 99 22.28 -9.19 -3.50
C VAL B 99 22.50 -7.72 -3.20
N THR B 100 21.48 -7.07 -2.66
CA THR B 100 21.58 -5.68 -2.27
C THR B 100 20.93 -5.51 -0.92
N GLY B 101 21.30 -4.45 -0.20
CA GLY B 101 20.85 -4.27 1.17
C GLY B 101 21.09 -2.88 1.71
N PHE B 102 20.19 -2.39 2.56
CA PHE B 102 20.33 -1.04 3.11
C PHE B 102 19.83 -0.88 4.52
N SER B 103 20.25 0.20 5.16
CA SER B 103 19.64 0.53 6.44
C SER B 103 19.16 1.95 6.50
N ILE B 104 18.25 2.14 7.45
CA ILE B 104 17.67 3.45 7.75
C ILE B 104 18.42 3.96 8.98
N THR B 105 19.25 4.97 8.78
CA THR B 105 20.03 5.54 9.86
C THR B 105 19.28 6.63 10.60
N GLY B 106 18.16 7.12 10.09
CA GLY B 106 17.37 8.13 10.81
C GLY B 106 16.22 8.68 9.98
N GLY B 107 15.40 9.53 10.59
CA GLY B 107 14.37 10.21 9.86
C GLY B 107 13.07 9.45 9.72
N GLU B 108 12.99 8.27 10.33
CA GLU B 108 11.84 7.39 10.13
C GLU B 108 11.55 6.70 11.43
N HIS B 109 10.70 7.36 12.22
CA HIS B 109 10.38 6.91 13.55
C HIS B 109 9.58 5.63 13.58
N ARG B 110 8.99 5.22 12.46
CA ARG B 110 8.28 3.93 12.48
C ARG B 110 9.22 2.73 12.41
N LEU B 111 10.39 2.92 11.81
CA LEU B 111 11.31 1.86 11.49
C LEU B 111 12.72 2.23 11.96
N ARG B 112 12.92 2.31 13.26
CA ARG B 112 14.21 2.72 13.79
C ARG B 112 15.26 1.60 13.68
N ASN B 113 16.44 1.93 13.16
CA ASN B 113 17.48 0.95 13.00
C ASN B 113 17.03 -0.23 12.18
N TYR B 114 16.35 0.10 11.09
CA TYR B 114 15.89 -0.87 10.12
C TYR B 114 17.06 -1.24 9.26
N LYS B 115 17.20 -2.54 9.02
CA LYS B 115 18.22 -3.02 8.09
C LYS B 115 17.58 -4.09 7.21
N SER B 116 17.73 -3.94 5.90
CA SER B 116 17.05 -4.79 4.92
C SER B 116 18.04 -5.39 3.95
N VAL B 117 17.69 -6.57 3.42
CA VAL B 117 18.42 -7.20 2.34
C VAL B 117 17.45 -7.83 1.35
N THR B 118 17.78 -7.72 0.06
CA THR B 118 16.97 -8.28 -0.99
C THR B 118 17.84 -9.04 -2.00
N THR B 119 17.37 -10.25 -2.33
CA THR B 119 18.09 -11.18 -3.21
C THR B 119 17.11 -11.68 -4.26
N VAL B 120 17.59 -11.76 -5.50
CA VAL B 120 16.82 -12.17 -6.65
C VAL B 120 17.26 -13.59 -6.97
N HIS B 121 16.32 -14.46 -7.31
CA HIS B 121 16.65 -15.85 -7.59
C HIS B 121 16.08 -16.32 -8.92
N ARG B 122 16.83 -17.16 -9.63
CA ARG B 122 16.41 -17.78 -10.89
C ARG B 122 15.61 -19.03 -10.60
N PHE B 123 14.42 -19.15 -11.20
CA PHE B 123 13.58 -20.34 -11.02
C PHE B 123 12.96 -20.84 -12.33
N GLU B 124 13.54 -21.90 -12.87
CA GLU B 124 13.13 -22.45 -14.18
C GLU B 124 12.54 -23.86 -14.02
N LYS B 125 11.27 -23.93 -13.63
CA LYS B 125 10.61 -25.22 -13.33
C LYS B 125 9.43 -25.51 -14.27
N GLU B 128 8.87 -29.26 -20.61
CA GLU B 128 7.98 -28.46 -19.76
C GLU B 128 7.91 -26.98 -20.21
N GLU B 129 8.59 -26.64 -21.31
CA GLU B 129 8.69 -25.26 -21.81
C GLU B 129 9.04 -24.30 -20.67
N GLU B 130 10.16 -24.59 -20.02
CA GLU B 130 10.59 -23.91 -18.81
C GLU B 130 11.12 -22.51 -19.15
N ARG B 131 10.20 -21.55 -19.17
CA ARG B 131 10.54 -20.13 -19.28
C ARG B 131 11.20 -19.72 -17.98
N ILE B 132 12.10 -18.75 -18.03
CA ILE B 132 12.88 -18.38 -16.84
C ILE B 132 12.07 -17.40 -15.97
N TRP B 133 11.57 -17.90 -14.84
CA TRP B 133 10.84 -17.11 -13.85
C TRP B 133 11.78 -16.64 -12.71
N THR B 134 11.29 -15.73 -11.86
CA THR B 134 12.09 -15.20 -10.75
C THR B 134 11.38 -15.25 -9.40
N VAL B 135 12.16 -15.45 -8.35
CA VAL B 135 11.69 -15.29 -6.99
C VAL B 135 12.60 -14.29 -6.27
N VAL B 136 11.96 -13.26 -5.70
CA VAL B 136 12.65 -12.23 -4.93
C VAL B 136 12.38 -12.47 -3.47
N LEU B 137 13.45 -12.40 -2.68
CA LEU B 137 13.35 -12.45 -1.23
C LEU B 137 13.74 -11.10 -0.62
N GLU B 138 12.95 -10.65 0.36
CA GLU B 138 13.22 -9.40 1.07
C GLU B 138 13.05 -9.66 2.53
N SER B 139 14.08 -9.39 3.32
CA SER B 139 13.96 -9.51 4.77
C SER B 139 14.44 -8.23 5.41
N TYR B 140 14.08 -8.11 6.70
CA TYR B 140 14.54 -6.98 7.48
C TYR B 140 14.69 -7.32 8.91
N VAL B 141 15.47 -6.53 9.63
CA VAL B 141 15.43 -6.51 11.08
C VAL B 141 15.25 -5.04 11.52
N VAL B 142 14.49 -4.78 12.57
CA VAL B 142 14.15 -3.41 12.99
C VAL B 142 13.85 -3.31 14.49
N ASP B 143 14.01 -2.13 15.07
CA ASP B 143 13.65 -1.93 16.45
C ASP B 143 12.14 -2.04 16.61
N VAL B 144 11.67 -2.58 17.71
CA VAL B 144 10.28 -2.42 18.08
C VAL B 144 10.23 -1.22 19.03
N PRO B 145 9.51 -0.15 18.64
CA PRO B 145 9.36 1.02 19.52
C PRO B 145 8.89 0.61 20.88
N GLU B 146 9.48 1.18 21.92
CA GLU B 146 9.05 0.83 23.26
C GLU B 146 7.58 1.24 23.42
N GLY B 147 6.76 0.32 23.88
CA GLY B 147 5.33 0.54 24.02
C GLY B 147 4.54 0.09 22.82
N ASN B 148 5.20 -0.67 21.93
CA ASN B 148 4.53 -1.28 20.81
C ASN B 148 4.77 -2.76 20.91
N SER B 149 3.86 -3.55 20.37
CA SER B 149 4.04 -4.98 20.31
C SER B 149 4.86 -5.29 19.09
N GLU B 150 5.61 -6.38 19.17
CA GLU B 150 6.32 -6.90 18.02
C GLU B 150 5.37 -7.00 16.80
N GLU B 151 4.21 -7.59 17.04
CA GLU B 151 3.25 -7.91 15.99
C GLU B 151 2.90 -6.66 15.21
N ASP B 152 2.67 -5.55 15.91
CA ASP B 152 2.23 -4.33 15.25
C ASP B 152 3.27 -3.75 14.31
N THR B 153 4.50 -3.66 14.78
CA THR B 153 5.59 -3.17 13.97
C THR B 153 5.84 -4.14 12.79
N ARG B 154 5.65 -5.42 13.02
CA ARG B 154 5.81 -6.40 11.98
C ARG B 154 4.72 -6.33 10.89
N LEU B 155 3.46 -6.22 11.30
CA LEU B 155 2.37 -5.98 10.37
C LEU B 155 2.63 -4.80 9.47
N PHE B 156 3.20 -3.73 10.02
CA PHE B 156 3.42 -2.54 9.24
C PHE B 156 4.50 -2.78 8.20
N ALA B 157 5.69 -3.21 8.64
CA ALA B 157 6.81 -3.47 7.74
C ALA B 157 6.43 -4.47 6.66
N ASP B 158 5.74 -5.54 7.05
CA ASP B 158 5.37 -6.59 6.09
C ASP B 158 4.34 -6.07 5.08
N THR B 159 3.37 -5.30 5.53
CA THR B 159 2.40 -4.84 4.59
C THR B 159 3.10 -3.99 3.50
N VAL B 160 4.02 -3.11 3.86
CA VAL B 160 4.53 -2.22 2.83
C VAL B 160 5.46 -3.00 1.95
N ILE B 161 6.25 -3.89 2.53
CA ILE B 161 7.13 -4.71 1.70
C ILE B 161 6.33 -5.54 0.68
N ARG B 162 5.19 -6.08 1.10
CA ARG B 162 4.36 -6.88 0.20
C ARG B 162 3.83 -6.09 -0.99
N LEU B 163 3.35 -4.89 -0.73
CA LEU B 163 2.86 -4.02 -1.77
C LEU B 163 4.01 -3.63 -2.69
N ASN B 164 5.18 -3.31 -2.14
CA ASN B 164 6.29 -2.94 -3.00
C ASN B 164 6.72 -4.07 -3.90
N LEU B 165 6.80 -5.29 -3.35
CA LEU B 165 7.13 -6.46 -4.13
C LEU B 165 6.06 -6.74 -5.18
N GLN B 166 4.80 -6.43 -4.90
CA GLN B 166 3.78 -6.56 -5.96
C GLN B 166 4.01 -5.54 -7.08
N LYS B 167 4.31 -4.29 -6.73
CA LYS B 167 4.61 -3.29 -7.75
C LYS B 167 5.81 -3.79 -8.51
N LEU B 168 6.87 -4.19 -7.81
CA LEU B 168 8.07 -4.75 -8.49
C LEU B 168 7.70 -5.83 -9.52
N ALA B 169 6.78 -6.73 -9.16
CA ALA B 169 6.34 -7.78 -10.09
C ALA B 169 5.72 -7.20 -11.34
N SER B 170 4.86 -6.20 -11.19
CA SER B 170 4.21 -5.55 -12.32
C SER B 170 5.16 -4.78 -13.21
N ILE B 171 5.87 -3.83 -12.62
CA ILE B 171 6.79 -3.04 -13.40
C ILE B 171 7.69 -4.00 -14.17
N THR B 172 8.17 -5.04 -13.51
CA THR B 172 9.11 -6.00 -14.11
C THR B 172 8.44 -6.90 -15.15
N GLU B 173 7.21 -7.35 -14.87
CA GLU B 173 6.47 -8.15 -15.83
C GLU B 173 6.07 -7.32 -17.04
N ALA B 174 5.90 -6.01 -16.86
CA ALA B 174 5.64 -5.10 -17.98
C ALA B 174 6.85 -4.99 -18.92
N MET B 175 8.05 -4.94 -18.36
CA MET B 175 9.28 -4.83 -19.14
C MET B 175 9.55 -6.07 -19.98
N ASN B 176 8.93 -7.18 -19.58
CA ASN B 176 9.04 -8.47 -20.29
C ASN B 176 7.92 -8.70 -21.31
N ARG B 177 7.07 -7.69 -21.53
CA ARG B 177 6.15 -7.71 -22.68
C ARG B 177 6.00 -6.25 -23.13
N ASN B 178 7.11 -5.73 -23.64
CA ASN B 178 7.20 -4.37 -24.14
C ASN B 178 7.92 -4.38 -25.49
#